data_9G1E
#
_entry.id   9G1E
#
_cell.length_a   69.350
_cell.length_b   90.880
_cell.length_c   45.300
_cell.angle_alpha   90.000
_cell.angle_beta   90.000
_cell.angle_gamma   90.000
#
_symmetry.space_group_name_H-M   'P 21 21 2'
#
loop_
_entity.id
_entity.type
_entity.pdbx_description
1 polymer 'Fosfomycin resistance protein'
2 non-polymer 'MANGANESE (II) ION'
3 non-polymer 1-(1-methyl-1,2,3,4-tetrahydroquinolin-6-yl)methanamine
4 water water
#
_entity_poly.entity_id   1
_entity_poly.type   'polypeptide(L)'
_entity_poly.pdbx_seq_one_letter_code
;MLSGLNHLTLAVSQLAPSVAFYQQLLGMTLHARWDSGAYLSCGDLWLCLSLDPQRRVTPPEESDYTHYAFSISEADFASF
AARLEAAGVAVWKLNRSEGASHYFLDPDGHKLELHVGSLAQRLAACREQPYKGMVFFEQHHHHHH
;
_entity_poly.pdbx_strand_id   A,B
#
# COMPACT_ATOMS: atom_id res chain seq x y z
N MET A 1 -3.36 4.20 19.29
CA MET A 1 -4.13 3.29 18.39
C MET A 1 -4.18 3.83 16.96
N LEU A 2 -4.16 2.90 16.01
CA LEU A 2 -3.96 3.24 14.61
C LEU A 2 -5.28 3.61 13.96
N SER A 3 -5.25 4.59 13.06
CA SER A 3 -6.48 5.14 12.51
C SER A 3 -6.63 5.04 11.01
N GLY A 4 -5.74 4.37 10.32
CA GLY A 4 -5.79 4.26 8.88
C GLY A 4 -4.41 4.40 8.28
N LEU A 5 -4.37 4.52 6.96
CA LEU A 5 -3.13 4.67 6.23
C LEU A 5 -2.75 6.15 6.20
N ASN A 6 -1.54 6.46 6.67
CA ASN A 6 -1.02 7.83 6.62
C ASN A 6 -0.43 8.16 5.25
N HIS A 7 0.42 7.29 4.71
CA HIS A 7 0.93 7.46 3.35
C HIS A 7 1.43 6.12 2.83
N LEU A 8 1.50 6.04 1.50
CA LEU A 8 2.05 4.92 0.76
C LEU A 8 3.28 5.44 0.03
N THR A 9 4.42 4.79 0.23
CA THR A 9 5.66 5.19 -0.45
C THR A 9 6.10 4.07 -1.37
N LEU A 10 6.23 4.38 -2.65
CA LEU A 10 6.72 3.43 -3.64
C LEU A 10 8.14 3.81 -4.04
N ALA A 11 9.04 2.83 -4.01
CA ALA A 11 10.39 3.01 -4.53
C ALA A 11 10.33 2.94 -6.05
N VAL A 12 10.98 3.90 -6.71
CA VAL A 12 10.99 3.96 -8.17
C VAL A 12 12.42 4.04 -8.67
N SER A 13 12.67 3.49 -9.87
CA SER A 13 14.02 3.48 -10.44
C SER A 13 14.34 4.74 -11.24
N GLN A 14 13.33 5.38 -11.82
CA GLN A 14 13.51 6.60 -12.60
C GLN A 14 12.34 7.51 -12.27
N LEU A 15 12.63 8.70 -11.78
CA LEU A 15 11.57 9.52 -11.22
C LEU A 15 10.64 10.06 -12.31
N ALA A 16 11.19 10.59 -13.40
CA ALA A 16 10.34 11.24 -14.40
C ALA A 16 9.28 10.32 -15.00
N PRO A 17 9.59 9.12 -15.49
N PRO A 17 9.60 9.13 -15.48
CA PRO A 17 8.52 8.28 -16.02
CA PRO A 17 8.55 8.26 -16.02
C PRO A 17 7.48 7.91 -14.99
C PRO A 17 7.53 7.83 -14.99
N SER A 18 7.88 7.73 -13.74
N SER A 18 7.93 7.74 -13.71
CA SER A 18 6.92 7.36 -12.70
CA SER A 18 6.96 7.37 -12.68
C SER A 18 5.99 8.53 -12.38
C SER A 18 6.01 8.52 -12.39
N VAL A 19 6.53 9.74 -12.25
CA VAL A 19 5.64 10.88 -12.06
C VAL A 19 4.67 10.98 -13.22
N ALA A 20 5.15 10.79 -14.46
CA ALA A 20 4.27 10.90 -15.61
C ALA A 20 3.15 9.86 -15.54
N PHE A 21 3.49 8.64 -15.12
CA PHE A 21 2.49 7.59 -15.02
C PHE A 21 1.40 7.95 -14.02
N TYR A 22 1.78 8.34 -12.81
CA TYR A 22 0.78 8.60 -11.77
C TYR A 22 0.00 9.88 -12.02
N GLN A 23 0.64 10.92 -12.55
CA GLN A 23 -0.03 12.18 -12.79
C GLN A 23 -0.75 12.21 -14.15
N GLN A 24 -0.01 11.97 -15.23
CA GLN A 24 -0.61 12.13 -16.56
C GLN A 24 -1.56 11.01 -16.90
N LEU A 25 -1.19 9.77 -16.60
CA LEU A 25 -2.03 8.65 -17.00
C LEU A 25 -3.10 8.34 -15.97
N LEU A 26 -2.74 8.26 -14.69
CA LEU A 26 -3.73 7.94 -13.68
C LEU A 26 -4.48 9.15 -13.14
N GLY A 27 -4.00 10.36 -13.38
CA GLY A 27 -4.74 11.55 -13.00
C GLY A 27 -4.63 11.97 -11.55
N MET A 28 -3.62 11.48 -10.85
CA MET A 28 -3.36 11.91 -9.47
C MET A 28 -2.87 13.36 -9.49
N THR A 29 -3.04 14.03 -8.36
CA THR A 29 -2.63 15.42 -8.22
C THR A 29 -1.17 15.48 -7.78
N LEU A 30 -0.35 16.20 -8.54
CA LEU A 30 1.05 16.41 -8.19
C LEU A 30 1.17 17.67 -7.32
N HIS A 31 1.71 17.53 -6.11
CA HIS A 31 1.90 18.65 -5.22
C HIS A 31 3.32 19.19 -5.21
N ALA A 32 4.32 18.32 -5.31
CA ALA A 32 5.70 18.75 -5.26
C ALA A 32 6.58 17.66 -5.86
N ARG A 33 7.69 18.08 -6.46
CA ARG A 33 8.67 17.18 -7.05
C ARG A 33 10.04 17.74 -6.69
N TRP A 34 10.97 16.87 -6.35
CA TRP A 34 12.34 17.29 -6.11
C TRP A 34 13.28 16.30 -6.79
N ASP A 35 14.58 16.44 -6.55
CA ASP A 35 15.54 15.65 -7.30
C ASP A 35 15.41 14.16 -6.99
N SER A 36 14.87 13.81 -5.82
N SER A 36 14.87 13.80 -5.82
CA SER A 36 14.81 12.41 -5.42
CA SER A 36 14.80 12.39 -5.47
C SER A 36 13.41 11.90 -5.09
C SER A 36 13.42 11.96 -4.98
N GLY A 37 12.36 12.66 -5.36
CA GLY A 37 11.04 12.19 -4.97
C GLY A 37 9.94 13.08 -5.48
N ALA A 38 8.71 12.65 -5.22
CA ALA A 38 7.54 13.45 -5.51
C ALA A 38 6.44 13.12 -4.53
N TYR A 39 5.59 14.11 -4.26
CA TYR A 39 4.39 13.93 -3.46
C TYR A 39 3.16 14.12 -4.33
N LEU A 40 2.27 13.13 -4.30
CA LEU A 40 1.00 13.17 -5.02
C LEU A 40 -0.14 12.84 -4.06
N SER A 41 -1.35 13.21 -4.45
CA SER A 41 -2.53 12.76 -3.72
C SER A 41 -3.57 12.20 -4.68
N CYS A 42 -4.41 11.34 -4.13
CA CYS A 42 -5.51 10.69 -4.85
C CYS A 42 -6.64 10.63 -3.84
N GLY A 43 -7.57 11.58 -3.91
CA GLY A 43 -8.51 11.73 -2.81
C GLY A 43 -7.76 11.95 -1.51
N ASP A 44 -8.04 11.10 -0.51
CA ASP A 44 -7.43 11.15 0.81
C ASP A 44 -6.05 10.51 0.86
N LEU A 45 -5.62 9.82 -0.19
CA LEU A 45 -4.37 9.09 -0.17
C LEU A 45 -3.20 10.01 -0.44
N TRP A 46 -2.19 9.96 0.43
CA TRP A 46 -0.90 10.62 0.23
C TRP A 46 0.05 9.59 -0.34
N LEU A 47 0.48 9.79 -1.58
CA LEU A 47 1.39 8.90 -2.27
C LEU A 47 2.75 9.59 -2.40
N CYS A 48 3.81 8.90 -1.98
N CYS A 48 3.81 8.88 -1.99
CA CYS A 48 5.16 9.38 -2.15
CA CYS A 48 5.16 9.35 -2.13
C CYS A 48 5.90 8.46 -3.11
C CYS A 48 5.88 8.45 -3.12
N LEU A 49 6.53 9.06 -4.12
CA LEU A 49 7.44 8.33 -5.00
C LEU A 49 8.86 8.68 -4.55
N SER A 50 9.65 7.66 -4.25
CA SER A 50 11.00 7.87 -3.73
C SER A 50 12.01 7.20 -4.66
N LEU A 51 12.92 8.00 -5.20
CA LEU A 51 13.95 7.45 -6.08
C LEU A 51 14.86 6.52 -5.29
N ASP A 52 15.00 5.30 -5.77
CA ASP A 52 15.74 4.27 -5.04
C ASP A 52 16.55 3.47 -6.05
N PRO A 53 17.88 3.57 -6.03
CA PRO A 53 18.69 2.78 -6.96
C PRO A 53 18.60 1.28 -6.72
N GLN A 54 18.07 0.86 -5.57
N GLN A 54 18.07 0.84 -5.59
CA GLN A 54 17.87 -0.56 -5.31
CA GLN A 54 17.89 -0.58 -5.35
C GLN A 54 16.66 -1.11 -6.05
C GLN A 54 16.56 -1.11 -5.88
N ARG A 55 15.72 -0.26 -6.46
CA ARG A 55 14.51 -0.75 -7.12
C ARG A 55 14.84 -1.41 -8.45
N ARG A 56 14.37 -2.64 -8.61
CA ARG A 56 14.51 -3.40 -9.84
C ARG A 56 13.14 -3.55 -10.48
N VAL A 57 13.12 -3.52 -11.81
CA VAL A 57 11.90 -3.77 -12.55
C VAL A 57 11.70 -5.28 -12.62
N THR A 58 10.65 -5.76 -11.96
CA THR A 58 10.44 -7.18 -11.71
C THR A 58 9.26 -7.71 -12.50
N PRO A 59 9.42 -8.80 -13.24
CA PRO A 59 8.29 -9.38 -13.94
C PRO A 59 7.24 -9.84 -12.96
N PRO A 60 5.97 -9.75 -13.30
CA PRO A 60 4.93 -10.11 -12.34
C PRO A 60 4.94 -11.58 -11.94
N GLU A 61 5.52 -12.46 -12.75
CA GLU A 61 5.57 -13.88 -12.40
C GLU A 61 6.57 -14.17 -11.29
N GLU A 62 7.49 -13.26 -11.02
N GLU A 62 7.46 -13.25 -10.98
CA GLU A 62 8.46 -13.49 -9.96
CA GLU A 62 8.47 -13.47 -9.96
C GLU A 62 8.14 -12.72 -8.69
C GLU A 62 8.40 -12.44 -8.84
N SER A 63 7.28 -11.73 -8.73
CA SER A 63 7.01 -10.93 -7.55
C SER A 63 5.78 -11.55 -6.89
N ASP A 64 5.61 -11.28 -5.60
CA ASP A 64 4.49 -11.86 -4.89
C ASP A 64 3.20 -11.06 -5.12
N TYR A 65 2.14 -11.45 -4.42
N TYR A 65 2.13 -11.45 -4.43
CA TYR A 65 0.82 -10.89 -4.67
CA TYR A 65 0.80 -10.90 -4.66
C TYR A 65 0.59 -9.53 -4.01
C TYR A 65 0.57 -9.55 -3.97
N THR A 66 1.57 -8.96 -3.31
CA THR A 66 1.38 -7.66 -2.69
C THR A 66 0.95 -6.65 -3.76
N HIS A 67 -0.14 -5.91 -3.50
CA HIS A 67 -0.65 -5.00 -4.53
C HIS A 67 -1.49 -3.91 -3.90
N TYR A 68 -1.72 -2.86 -4.69
CA TYR A 68 -2.35 -1.62 -4.23
C TYR A 68 -3.53 -1.35 -5.14
N ALA A 69 -4.72 -1.25 -4.58
CA ALA A 69 -5.93 -1.02 -5.35
C ALA A 69 -6.49 0.37 -5.10
N PHE A 70 -6.94 1.01 -6.18
CA PHE A 70 -7.51 2.33 -6.15
C PHE A 70 -9.01 2.24 -6.47
N SER A 71 -9.78 3.09 -5.82
CA SER A 71 -11.22 3.09 -5.99
C SER A 71 -11.62 3.86 -7.24
N ILE A 72 -12.61 3.33 -7.93
CA ILE A 72 -13.21 4.00 -9.08
C ILE A 72 -14.68 3.62 -9.10
N SER A 73 -15.48 4.50 -9.68
CA SER A 73 -16.91 4.25 -9.67
C SER A 73 -17.30 3.29 -10.77
N GLU A 74 -18.48 2.70 -10.60
CA GLU A 74 -19.03 1.79 -11.60
C GLU A 74 -19.12 2.45 -12.97
N ALA A 75 -19.43 3.74 -13.00
CA ALA A 75 -19.66 4.43 -14.28
C ALA A 75 -18.36 4.68 -15.04
N ASP A 76 -17.23 4.81 -14.34
CA ASP A 76 -15.96 5.13 -14.96
C ASP A 76 -15.06 3.93 -15.18
N PHE A 77 -15.38 2.78 -14.58
CA PHE A 77 -14.46 1.65 -14.56
C PHE A 77 -14.02 1.21 -15.95
N ALA A 78 -14.98 0.94 -16.83
CA ALA A 78 -14.64 0.34 -18.12
C ALA A 78 -13.88 1.32 -19.00
N SER A 79 -14.30 2.59 -19.02
N SER A 79 -14.33 2.58 -19.05
CA SER A 79 -13.63 3.56 -19.88
CA SER A 79 -13.62 3.58 -19.84
C SER A 79 -12.22 3.87 -19.38
C SER A 79 -12.17 3.69 -19.40
N PHE A 80 -11.99 3.78 -18.06
N PHE A 80 -11.95 3.83 -18.09
CA PHE A 80 -10.64 3.98 -17.53
CA PHE A 80 -10.59 4.00 -17.60
C PHE A 80 -9.74 2.80 -17.84
C PHE A 80 -9.73 2.78 -17.88
N ALA A 81 -10.27 1.58 -17.68
CA ALA A 81 -9.50 0.39 -18.02
C ALA A 81 -9.17 0.38 -19.50
N ALA A 82 -10.09 0.83 -20.35
CA ALA A 82 -9.83 0.86 -21.78
C ALA A 82 -8.73 1.86 -22.11
N ARG A 83 -8.68 2.98 -21.38
CA ARG A 83 -7.63 3.95 -21.64
C ARG A 83 -6.25 3.40 -21.26
N LEU A 84 -6.17 2.66 -20.15
CA LEU A 84 -4.91 2.02 -19.79
C LEU A 84 -4.47 1.03 -20.85
N GLU A 85 -5.39 0.19 -21.34
CA GLU A 85 -4.98 -0.79 -22.34
C GLU A 85 -4.52 -0.11 -23.62
N ALA A 86 -5.21 0.97 -24.02
CA ALA A 86 -4.81 1.69 -25.22
C ALA A 86 -3.43 2.32 -25.07
N ALA A 87 -3.05 2.68 -23.85
CA ALA A 87 -1.72 3.24 -23.58
C ALA A 87 -0.65 2.16 -23.45
N GLY A 88 -1.02 0.89 -23.57
CA GLY A 88 -0.04 -0.17 -23.56
C GLY A 88 0.42 -0.57 -22.19
N VAL A 89 -0.35 -0.27 -21.16
CA VAL A 89 0.02 -0.63 -19.81
C VAL A 89 -0.07 -2.15 -19.65
N ALA A 90 0.96 -2.74 -19.04
CA ALA A 90 1.03 -4.18 -18.91
C ALA A 90 0.07 -4.66 -17.82
N VAL A 91 -0.25 -5.94 -17.86
N VAL A 91 -0.52 -5.82 -18.05
CA VAL A 91 -1.16 -6.53 -16.89
CA VAL A 91 -1.60 -6.37 -17.23
C VAL A 91 -0.46 -7.60 -16.06
C VAL A 91 -1.09 -7.67 -16.61
N TRP A 92 -1.14 -8.02 -14.99
N TRP A 92 -1.33 -7.84 -15.31
CA TRP A 92 -0.73 -9.15 -14.17
CA TRP A 92 -0.75 -8.94 -14.56
C TRP A 92 -1.96 -9.93 -13.75
C TRP A 92 -1.75 -9.96 -14.04
N LYS A 93 -1.74 -11.08 -13.11
N LYS A 93 -3.05 -9.73 -14.21
CA LYS A 93 -2.80 -12.03 -12.79
CA LYS A 93 -4.05 -10.72 -13.83
C LYS A 93 -2.73 -12.39 -11.32
C LYS A 93 -5.31 -10.47 -14.63
N LEU A 94 -3.87 -12.26 -10.63
N LEU A 94 -6.04 -11.54 -14.95
CA LEU A 94 -4.02 -12.73 -9.26
CA LEU A 94 -7.26 -11.44 -15.72
C LEU A 94 -4.59 -14.14 -9.28
C LEU A 94 -8.48 -11.96 -15.00
N ASN A 95 -4.41 -14.85 -8.16
N ASN A 95 -8.32 -12.99 -14.18
CA ASN A 95 -4.85 -16.24 -8.07
CA ASN A 95 -9.45 -13.59 -13.47
C ASN A 95 -6.35 -16.40 -7.84
C ASN A 95 -9.87 -12.73 -12.27
N ARG A 96 -7.03 -15.33 -7.39
N ARG A 96 -11.16 -12.44 -12.22
CA ARG A 96 -8.42 -15.41 -6.98
CA ARG A 96 -11.73 -11.51 -11.24
C ARG A 96 -9.19 -14.22 -7.53
C ARG A 96 -12.17 -12.31 -10.02
N SER A 97 -10.50 -14.42 -7.69
N SER A 97 -11.20 -12.60 -9.15
CA SER A 97 -11.40 -13.32 -8.01
CA SER A 97 -11.46 -13.39 -7.96
C SER A 97 -11.75 -12.54 -6.75
C SER A 97 -12.00 -12.56 -6.80
N GLU A 98 -11.90 -11.23 -6.90
N GLU A 98 -11.95 -11.24 -6.90
CA GLU A 98 -12.36 -10.37 -5.82
CA GLU A 98 -12.35 -10.37 -5.82
C GLU A 98 -13.21 -9.25 -6.39
C GLU A 98 -13.34 -9.30 -6.28
N GLY A 99 -14.09 -9.59 -7.33
CA GLY A 99 -15.08 -8.66 -7.83
C GLY A 99 -14.61 -7.94 -9.08
N ALA A 100 -15.17 -6.75 -9.29
CA ALA A 100 -14.89 -5.99 -10.51
C ALA A 100 -13.58 -5.27 -10.34
N SER A 101 -12.53 -5.81 -10.98
CA SER A 101 -11.17 -5.31 -10.86
C SER A 101 -10.47 -5.36 -12.21
N HIS A 102 -9.52 -4.45 -12.37
CA HIS A 102 -8.59 -4.45 -13.50
C HIS A 102 -7.19 -4.37 -12.91
N TYR A 103 -6.32 -5.29 -13.31
CA TYR A 103 -4.99 -5.44 -12.72
C TYR A 103 -3.94 -4.97 -13.72
N PHE A 104 -3.08 -4.03 -13.31
CA PHE A 104 -2.09 -3.47 -14.20
C PHE A 104 -0.82 -3.14 -13.42
N LEU A 105 0.27 -2.97 -14.17
CA LEU A 105 1.58 -2.72 -13.60
C LEU A 105 2.02 -1.29 -13.84
N ASP A 106 2.72 -0.70 -12.86
CA ASP A 106 3.42 0.57 -13.05
C ASP A 106 4.79 0.33 -13.70
N PRO A 107 5.51 1.39 -14.05
CA PRO A 107 6.75 1.21 -14.82
C PRO A 107 7.82 0.41 -14.10
N ASP A 108 7.77 0.33 -12.78
CA ASP A 108 8.74 -0.45 -12.03
C ASP A 108 8.22 -1.82 -11.65
N GLY A 109 7.04 -2.18 -12.13
CA GLY A 109 6.50 -3.48 -11.78
C GLY A 109 5.74 -3.53 -10.48
N HIS A 110 5.43 -2.39 -9.88
CA HIS A 110 4.49 -2.42 -8.76
C HIS A 110 3.12 -2.87 -9.27
N LYS A 111 2.47 -3.73 -8.51
CA LYS A 111 1.19 -4.30 -8.90
C LYS A 111 0.04 -3.42 -8.42
N LEU A 112 -0.70 -2.86 -9.36
CA LEU A 112 -1.81 -1.95 -9.11
C LEU A 112 -3.12 -2.61 -9.54
N GLU A 113 -4.22 -2.01 -9.09
CA GLU A 113 -5.55 -2.51 -9.38
C GLU A 113 -6.54 -1.36 -9.36
N LEU A 114 -7.48 -1.38 -10.28
CA LEU A 114 -8.70 -0.59 -10.18
C LEU A 114 -9.77 -1.50 -9.63
N HIS A 115 -10.49 -1.05 -8.61
CA HIS A 115 -11.55 -1.87 -8.04
C HIS A 115 -12.80 -1.05 -7.77
N VAL A 116 -13.96 -1.63 -8.10
CA VAL A 116 -15.26 -1.06 -7.80
C VAL A 116 -15.81 -1.78 -6.57
N GLY A 117 -16.02 -1.06 -5.48
CA GLY A 117 -16.72 -1.60 -4.35
C GLY A 117 -15.95 -1.51 -3.04
N SER A 118 -16.69 -1.52 -1.95
CA SER A 118 -16.15 -1.36 -0.61
C SER A 118 -15.94 -2.71 0.07
N LEU A 119 -15.29 -2.66 1.23
CA LEU A 119 -15.15 -3.86 2.04
C LEU A 119 -16.51 -4.45 2.39
N ALA A 120 -17.46 -3.60 2.76
CA ALA A 120 -18.78 -4.11 3.12
C ALA A 120 -19.42 -4.84 1.94
N GLN A 121 -19.27 -4.32 0.72
CA GLN A 121 -19.87 -4.99 -0.42
C GLN A 121 -19.16 -6.31 -0.68
N ARG A 122 -17.85 -6.33 -0.49
CA ARG A 122 -17.09 -7.55 -0.68
C ARG A 122 -17.54 -8.63 0.29
N LEU A 123 -17.71 -8.27 1.57
CA LEU A 123 -18.15 -9.25 2.55
C LEU A 123 -19.54 -9.79 2.21
N ALA A 124 -20.43 -8.93 1.72
CA ALA A 124 -21.78 -9.40 1.37
C ALA A 124 -21.74 -10.35 0.17
N ALA A 125 -20.89 -10.05 -0.81
CA ALA A 125 -20.73 -10.96 -1.94
C ALA A 125 -20.15 -12.29 -1.49
N CYS A 126 -19.19 -12.26 -0.57
CA CYS A 126 -18.57 -13.49 -0.09
C CYS A 126 -19.53 -14.33 0.74
N ARG A 127 -20.54 -13.74 1.37
CA ARG A 127 -21.52 -14.56 2.07
C ARG A 127 -22.25 -15.48 1.08
N GLU A 128 -22.48 -15.02 -0.14
CA GLU A 128 -23.17 -15.82 -1.14
C GLU A 128 -22.23 -16.75 -1.90
N GLN A 129 -20.96 -16.38 -2.04
N GLN A 129 -20.99 -16.31 -2.13
CA GLN A 129 -19.98 -17.17 -2.79
CA GLN A 129 -19.96 -17.11 -2.79
C GLN A 129 -18.67 -17.10 -2.04
C GLN A 129 -18.70 -16.99 -1.95
N PRO A 130 -18.60 -17.76 -0.88
CA PRO A 130 -17.44 -17.63 0.00
C PRO A 130 -16.18 -18.23 -0.62
N TYR A 131 -15.04 -17.73 -0.13
CA TYR A 131 -13.79 -18.41 -0.40
C TYR A 131 -13.74 -19.70 0.41
N LYS A 132 -12.85 -20.58 0.00
CA LYS A 132 -12.77 -21.88 0.65
C LYS A 132 -12.37 -21.70 2.12
N GLY A 133 -13.17 -22.27 3.02
CA GLY A 133 -12.88 -22.20 4.44
C GLY A 133 -13.22 -20.88 5.11
N MET A 134 -14.04 -20.05 4.49
CA MET A 134 -14.27 -18.71 5.01
C MET A 134 -15.09 -18.71 6.30
N VAL A 135 -14.68 -17.87 7.23
CA VAL A 135 -15.41 -17.59 8.45
C VAL A 135 -15.53 -16.09 8.61
N PHE A 136 -16.69 -15.64 9.10
CA PHE A 136 -17.00 -14.23 9.26
C PHE A 136 -17.08 -13.92 10.74
N PHE A 137 -16.54 -12.78 11.14
CA PHE A 137 -16.55 -12.41 12.55
C PHE A 137 -17.53 -11.30 12.87
N MET B 1 -12.52 8.82 -12.81
CA MET B 1 -11.37 9.26 -11.96
C MET B 1 -11.21 8.43 -10.69
N LEU B 2 -9.97 8.33 -10.23
CA LEU B 2 -9.66 7.57 -9.04
C LEU B 2 -9.97 8.40 -7.80
N SER B 3 -10.57 7.77 -6.79
CA SER B 3 -11.07 8.53 -5.65
C SER B 3 -10.33 8.24 -4.36
N GLY B 4 -9.34 7.39 -4.38
CA GLY B 4 -8.57 7.09 -3.19
C GLY B 4 -8.08 5.66 -3.23
N LEU B 5 -7.52 5.23 -2.10
CA LEU B 5 -7.06 3.87 -1.96
C LEU B 5 -8.24 2.98 -1.58
N ASN B 6 -8.43 1.91 -2.36
CA ASN B 6 -9.50 0.97 -2.09
C ASN B 6 -9.08 -0.11 -1.08
N HIS B 7 -7.95 -0.77 -1.33
CA HIS B 7 -7.41 -1.73 -0.37
C HIS B 7 -5.91 -1.91 -0.60
N LEU B 8 -5.24 -2.35 0.46
CA LEU B 8 -3.83 -2.70 0.45
C LEU B 8 -3.75 -4.20 0.69
N THR B 9 -3.11 -4.92 -0.21
CA THR B 9 -2.93 -6.36 -0.06
C THR B 9 -1.46 -6.67 0.17
N LEU B 10 -1.18 -7.36 1.27
CA LEU B 10 0.16 -7.83 1.59
C LEU B 10 0.23 -9.35 1.43
N ALA B 11 1.22 -9.81 0.67
CA ALA B 11 1.50 -11.24 0.58
C ALA B 11 2.22 -11.70 1.84
N VAL B 12 1.77 -12.83 2.40
CA VAL B 12 2.33 -13.34 3.65
C VAL B 12 2.72 -14.80 3.45
N SER B 13 3.73 -15.25 4.21
CA SER B 13 4.20 -16.61 4.09
C SER B 13 3.44 -17.58 4.98
N GLN B 14 2.92 -17.11 6.13
CA GLN B 14 2.14 -17.90 7.06
C GLN B 14 1.02 -17.04 7.63
N LEU B 15 -0.21 -17.53 7.53
CA LEU B 15 -1.36 -16.69 7.89
C LEU B 15 -1.43 -16.42 9.39
N ALA B 16 -1.26 -17.46 10.22
CA ALA B 16 -1.49 -17.27 11.65
C ALA B 16 -0.59 -16.22 12.29
N PRO B 17 0.73 -16.21 12.07
N PRO B 17 0.72 -16.22 12.08
CA PRO B 17 1.53 -15.14 12.70
CA PRO B 17 1.56 -15.15 12.65
C PRO B 17 1.22 -13.77 12.17
C PRO B 17 1.23 -13.77 12.11
N SER B 18 0.81 -13.67 10.89
N SER B 18 0.80 -13.67 10.84
CA SER B 18 0.45 -12.37 10.33
CA SER B 18 0.44 -12.37 10.30
C SER B 18 -0.86 -11.87 10.91
C SER B 18 -0.86 -11.86 10.92
N VAL B 19 -1.85 -12.74 11.09
CA VAL B 19 -3.08 -12.31 11.75
C VAL B 19 -2.78 -11.87 13.18
N ALA B 20 -1.93 -12.62 13.88
CA ALA B 20 -1.60 -12.24 15.25
C ALA B 20 -0.96 -10.85 15.29
N PHE B 21 -0.07 -10.58 14.34
CA PHE B 21 0.61 -9.29 14.29
C PHE B 21 -0.38 -8.16 14.03
N TYR B 22 -1.16 -8.27 12.96
CA TYR B 22 -2.03 -7.15 12.58
C TYR B 22 -3.23 -7.01 13.50
N GLN B 23 -3.83 -8.12 13.93
CA GLN B 23 -5.02 -8.03 14.78
C GLN B 23 -4.64 -7.80 16.24
N GLN B 24 -3.79 -8.66 16.80
CA GLN B 24 -3.57 -8.61 18.25
C GLN B 24 -2.53 -7.55 18.62
N LEU B 25 -1.41 -7.50 17.91
CA LEU B 25 -0.38 -6.53 18.26
C LEU B 25 -0.75 -5.11 17.81
N LEU B 26 -1.14 -4.94 16.56
N LEU B 26 -1.13 -4.95 16.56
CA LEU B 26 -1.45 -3.63 16.02
CA LEU B 26 -1.44 -3.61 16.04
C LEU B 26 -2.90 -3.19 16.23
C LEU B 26 -2.87 -3.18 16.31
N GLY B 27 -3.76 -4.10 16.68
CA GLY B 27 -5.12 -3.72 17.04
C GLY B 27 -6.09 -3.53 15.91
N MET B 28 -5.81 -4.05 14.73
CA MET B 28 -6.76 -3.96 13.62
C MET B 28 -7.93 -4.91 13.82
N THR B 29 -9.06 -4.59 13.19
CA THR B 29 -10.26 -5.40 13.30
C THR B 29 -10.26 -6.49 12.25
N LEU B 30 -10.46 -7.73 12.68
CA LEU B 30 -10.54 -8.88 11.78
C LEU B 30 -12.00 -9.10 11.41
N HIS B 31 -12.30 -9.03 10.12
CA HIS B 31 -13.66 -9.21 9.61
C HIS B 31 -13.94 -10.61 9.07
N ALA B 32 -12.94 -11.24 8.47
CA ALA B 32 -13.14 -12.54 7.86
C ALA B 32 -11.79 -13.17 7.61
N ARG B 33 -11.78 -14.50 7.60
N ARG B 33 -11.76 -14.50 7.63
CA ARG B 33 -10.58 -15.28 7.32
CA ARG B 33 -10.55 -15.24 7.28
C ARG B 33 -11.00 -16.49 6.51
C ARG B 33 -10.96 -16.50 6.53
N TRP B 34 -10.12 -16.94 5.61
CA TRP B 34 -10.35 -18.16 4.87
C TRP B 34 -9.03 -18.92 4.76
N ASP B 35 -9.03 -20.00 3.98
CA ASP B 35 -7.87 -20.88 3.97
C ASP B 35 -6.60 -20.14 3.53
N SER B 36 -6.74 -19.12 2.69
CA SER B 36 -5.56 -18.47 2.11
C SER B 36 -5.60 -16.95 2.26
N GLY B 37 -6.31 -16.43 3.27
CA GLY B 37 -6.26 -14.99 3.43
C GLY B 37 -7.12 -14.49 4.58
N ALA B 38 -7.10 -13.17 4.76
CA ALA B 38 -7.91 -12.53 5.78
C ALA B 38 -8.17 -11.09 5.36
N TYR B 39 -9.28 -10.54 5.85
CA TYR B 39 -9.64 -9.16 5.64
C TYR B 39 -9.69 -8.48 7.00
N LEU B 40 -8.98 -7.36 7.12
CA LEU B 40 -8.93 -6.54 8.32
C LEU B 40 -9.22 -5.11 7.95
N SER B 41 -9.61 -4.31 8.93
CA SER B 41 -9.72 -2.89 8.73
C SER B 41 -9.00 -2.14 9.84
N CYS B 42 -8.57 -0.93 9.49
CA CYS B 42 -7.84 -0.03 10.39
C CYS B 42 -8.38 1.35 10.05
N GLY B 43 -9.34 1.85 10.81
CA GLY B 43 -10.00 3.07 10.37
C GLY B 43 -10.65 2.81 9.02
N ASP B 44 -10.37 3.69 8.06
N ASP B 44 -10.38 3.68 8.05
CA ASP B 44 -10.90 3.57 6.71
CA ASP B 44 -10.94 3.51 6.72
C ASP B 44 -10.01 2.75 5.78
C ASP B 44 -10.17 2.50 5.87
N LEU B 45 -9.02 2.05 6.32
CA LEU B 45 -8.15 1.23 5.50
C LEU B 45 -8.66 -0.21 5.50
N TRP B 46 -8.86 -0.75 4.30
CA TRP B 46 -9.15 -2.16 4.09
C TRP B 46 -7.83 -2.85 3.77
N LEU B 47 -7.42 -3.75 4.65
CA LEU B 47 -6.18 -4.50 4.51
C LEU B 47 -6.51 -5.96 4.23
N CYS B 48 -5.88 -6.53 3.23
N CYS B 48 -5.88 -6.53 3.22
CA CYS B 48 -6.02 -7.95 2.91
CA CYS B 48 -6.00 -7.94 2.91
C CYS B 48 -4.67 -8.61 3.12
C CYS B 48 -4.65 -8.61 3.13
N LEU B 49 -4.66 -9.73 3.85
CA LEU B 49 -3.49 -10.60 3.94
C LEU B 49 -3.75 -11.77 3.02
N SER B 50 -2.81 -12.05 2.12
CA SER B 50 -2.98 -13.09 1.12
C SER B 50 -1.83 -14.08 1.27
N LEU B 51 -2.17 -15.33 1.58
CA LEU B 51 -1.15 -16.36 1.71
C LEU B 51 -0.55 -16.64 0.34
N ASP B 52 0.77 -16.53 0.22
CA ASP B 52 1.44 -16.61 -1.06
C ASP B 52 2.71 -17.43 -0.91
N PRO B 53 2.77 -18.62 -1.54
N PRO B 53 2.76 -18.62 -1.52
CA PRO B 53 4.01 -19.41 -1.48
CA PRO B 53 4.02 -19.40 -1.47
C PRO B 53 5.21 -18.72 -2.12
C PRO B 53 5.21 -18.69 -2.06
N GLN B 54 4.98 -17.63 -2.84
CA GLN B 54 6.07 -16.87 -3.43
C GLN B 54 6.71 -15.93 -2.43
N ARG B 55 6.05 -15.65 -1.31
CA ARG B 55 6.58 -14.67 -0.38
C ARG B 55 7.76 -15.22 0.40
N ARG B 56 8.87 -14.49 0.35
CA ARG B 56 10.04 -14.77 1.14
C ARG B 56 10.06 -13.86 2.35
N VAL B 57 10.49 -14.39 3.49
CA VAL B 57 10.82 -13.55 4.64
C VAL B 57 12.07 -12.77 4.24
N THR B 58 11.90 -11.47 3.99
CA THR B 58 12.93 -10.71 3.30
C THR B 58 13.65 -9.77 4.26
N PRO B 59 14.98 -9.88 4.41
CA PRO B 59 15.69 -8.95 5.30
C PRO B 59 15.64 -7.54 4.75
N PRO B 60 15.65 -6.53 5.61
CA PRO B 60 15.44 -5.16 5.13
C PRO B 60 16.53 -4.67 4.21
N GLU B 61 17.72 -5.25 4.27
CA GLU B 61 18.82 -4.86 3.39
C GLU B 61 18.58 -5.30 1.96
N GLU B 62 17.70 -6.29 1.76
CA GLU B 62 17.46 -6.90 0.45
C GLU B 62 16.20 -6.39 -0.23
N SER B 63 15.43 -5.55 0.44
CA SER B 63 14.25 -4.95 -0.17
C SER B 63 14.45 -3.44 -0.32
N ASP B 64 13.67 -2.86 -1.21
CA ASP B 64 13.79 -1.44 -1.51
C ASP B 64 12.99 -0.63 -0.48
N TYR B 65 12.87 0.67 -0.72
CA TYR B 65 12.30 1.59 0.26
C TYR B 65 10.78 1.62 0.28
N THR B 66 10.11 0.83 -0.57
CA THR B 66 8.65 0.79 -0.56
C THR B 66 8.17 0.47 0.84
N HIS B 67 7.22 1.27 1.34
CA HIS B 67 6.76 1.10 2.72
C HIS B 67 5.38 1.71 2.92
N TYR B 68 4.77 1.34 4.06
CA TYR B 68 3.38 1.64 4.36
C TYR B 68 3.33 2.28 5.73
N ALA B 69 2.82 3.50 5.81
CA ALA B 69 2.79 4.24 7.06
C ALA B 69 1.36 4.32 7.56
N PHE B 70 1.17 4.05 8.85
CA PHE B 70 -0.11 4.15 9.51
C PHE B 70 -0.19 5.41 10.37
N SER B 71 -1.39 5.97 10.42
CA SER B 71 -1.67 7.18 11.18
C SER B 71 -1.83 6.87 12.65
N ILE B 72 -1.26 7.74 13.48
CA ILE B 72 -1.42 7.68 14.93
C ILE B 72 -1.30 9.10 15.45
N SER B 73 -1.94 9.38 16.60
CA SER B 73 -1.80 10.69 17.21
C SER B 73 -0.47 10.81 17.97
N GLU B 74 -0.01 12.06 18.11
CA GLU B 74 1.21 12.29 18.88
C GLU B 74 1.07 11.76 20.30
N ALA B 75 -0.14 11.89 20.88
CA ALA B 75 -0.35 11.47 22.26
C ALA B 75 -0.15 9.97 22.43
N ASP B 76 -0.47 9.18 21.41
CA ASP B 76 -0.40 7.73 21.50
C ASP B 76 0.91 7.17 20.97
N PHE B 77 1.72 8.00 20.31
CA PHE B 77 2.88 7.52 19.55
C PHE B 77 3.86 6.77 20.44
N ALA B 78 4.27 7.39 21.56
CA ALA B 78 5.36 6.81 22.33
C ALA B 78 4.95 5.50 23.00
N SER B 79 3.72 5.41 23.48
N SER B 79 3.71 5.43 23.48
CA SER B 79 3.31 4.17 24.13
CA SER B 79 3.24 4.20 24.12
C SER B 79 3.13 3.05 23.10
C SER B 79 3.14 3.07 23.11
N PHE B 80 2.72 3.39 21.88
CA PHE B 80 2.58 2.35 20.86
C PHE B 80 3.94 1.84 20.42
N ALA B 81 4.89 2.76 20.20
CA ALA B 81 6.25 2.34 19.89
C ALA B 81 6.83 1.47 21.00
N ALA B 82 6.53 1.78 22.26
CA ALA B 82 7.05 0.97 23.36
C ALA B 82 6.44 -0.44 23.36
N ARG B 83 5.16 -0.55 22.98
CA ARG B 83 4.52 -1.85 22.85
C ARG B 83 5.22 -2.69 21.78
N LEU B 84 5.54 -2.09 20.64
CA LEU B 84 6.26 -2.83 19.60
C LEU B 84 7.63 -3.26 20.09
N GLU B 85 8.32 -2.41 20.86
N GLU B 85 8.33 -2.40 20.83
CA GLU B 85 9.64 -2.77 21.36
CA GLU B 85 9.63 -2.75 21.40
C GLU B 85 9.55 -3.91 22.38
C GLU B 85 9.50 -3.96 22.32
N ALA B 86 8.48 -3.95 23.19
CA ALA B 86 8.31 -5.02 24.15
C ALA B 86 8.05 -6.34 23.44
N ALA B 87 7.32 -6.28 22.32
CA ALA B 87 7.03 -7.48 21.55
C ALA B 87 8.22 -7.98 20.74
N GLY B 88 9.31 -7.21 20.66
CA GLY B 88 10.48 -7.66 19.94
C GLY B 88 10.49 -7.33 18.47
N VAL B 89 9.71 -6.35 18.06
CA VAL B 89 9.58 -6.02 16.65
C VAL B 89 10.82 -5.26 16.19
N ALA B 90 11.38 -5.69 15.06
CA ALA B 90 12.60 -5.08 14.56
C ALA B 90 12.34 -3.72 13.92
N VAL B 91 13.33 -2.84 14.06
CA VAL B 91 13.33 -1.49 13.48
C VAL B 91 14.27 -1.52 12.28
N TRP B 92 13.84 -0.89 11.17
CA TRP B 92 14.65 -0.92 9.94
C TRP B 92 15.31 0.41 9.59
N LYS B 93 15.01 1.48 10.32
CA LYS B 93 15.52 2.80 10.02
C LYS B 93 15.32 3.68 11.25
N LEU B 94 16.24 4.61 11.48
CA LEU B 94 16.02 5.63 12.50
C LEU B 94 15.37 6.85 11.85
N ASN B 95 14.49 7.51 12.59
CA ASN B 95 13.89 8.75 12.10
C ASN B 95 14.91 9.88 12.11
N ARG B 96 15.11 10.50 10.95
CA ARG B 96 16.05 11.61 10.84
C ARG B 96 15.39 12.87 10.29
N SER B 97 14.07 12.92 10.25
N SER B 97 14.07 12.91 10.17
CA SER B 97 13.30 14.09 9.86
CA SER B 97 13.40 13.85 9.28
C SER B 97 12.63 14.68 11.10
C SER B 97 12.14 14.41 9.95
N GLU B 98 11.97 15.83 10.91
N GLU B 98 11.25 14.99 9.13
CA GLU B 98 11.35 16.54 12.02
CA GLU B 98 10.16 15.83 9.64
C GLU B 98 10.23 15.72 12.66
C GLU B 98 9.14 15.01 10.41
N GLY B 99 9.20 15.38 11.88
N GLY B 99 8.96 15.34 11.68
CA GLY B 99 8.00 14.76 12.44
CA GLY B 99 7.88 14.77 12.46
C GLY B 99 8.28 13.40 13.06
C GLY B 99 8.29 13.52 13.20
N ALA B 100 7.28 12.91 13.80
CA ALA B 100 7.46 11.68 14.55
C ALA B 100 7.19 10.50 13.63
N SER B 101 8.19 9.62 13.51
CA SER B 101 8.06 8.40 12.74
C SER B 101 8.79 7.28 13.46
N HIS B 102 8.22 6.07 13.40
CA HIS B 102 8.83 4.85 13.91
C HIS B 102 8.77 3.81 12.80
N TYR B 103 9.91 3.20 12.47
CA TYR B 103 10.03 2.35 11.30
C TYR B 103 10.24 0.91 11.75
N PHE B 104 9.28 0.04 11.45
CA PHE B 104 9.29 -1.32 11.97
C PHE B 104 8.91 -2.32 10.90
N LEU B 105 9.28 -3.57 11.12
CA LEU B 105 9.07 -4.63 10.16
C LEU B 105 7.96 -5.58 10.61
N ASP B 106 7.19 -6.09 9.62
CA ASP B 106 6.22 -7.15 9.89
C ASP B 106 6.91 -8.51 9.78
N PRO B 107 6.20 -9.60 10.09
CA PRO B 107 6.85 -10.92 10.18
C PRO B 107 7.46 -11.41 8.89
N ASP B 108 7.03 -10.88 7.75
CA ASP B 108 7.59 -11.27 6.45
C ASP B 108 8.53 -10.24 5.89
N GLY B 109 8.84 -9.18 6.64
CA GLY B 109 9.75 -8.16 6.20
C GLY B 109 9.10 -7.01 5.46
N HIS B 110 7.77 -6.92 5.43
CA HIS B 110 7.15 -5.71 4.90
C HIS B 110 7.58 -4.54 5.76
N LYS B 111 7.94 -3.44 5.11
CA LYS B 111 8.39 -2.23 5.79
C LYS B 111 7.20 -1.36 6.17
N LEU B 112 7.02 -1.15 7.46
CA LEU B 112 5.92 -0.38 8.03
C LEU B 112 6.48 0.86 8.73
N GLU B 113 5.58 1.79 9.02
CA GLU B 113 5.93 3.03 9.71
C GLU B 113 4.72 3.50 10.50
N LEU B 114 4.97 4.06 11.69
CA LEU B 114 3.99 4.87 12.39
C LEU B 114 4.37 6.32 12.10
N HIS B 115 3.42 7.15 11.68
CA HIS B 115 3.74 8.54 11.41
C HIS B 115 2.65 9.45 11.97
N VAL B 116 3.08 10.56 12.55
CA VAL B 116 2.20 11.62 13.02
C VAL B 116 2.28 12.78 12.04
N GLY B 117 1.15 13.17 11.46
CA GLY B 117 1.13 14.34 10.60
C GLY B 117 0.62 14.05 9.21
N SER B 118 0.12 15.10 8.57
CA SER B 118 -0.53 15.01 7.27
C SER B 118 0.38 15.49 6.14
N LEU B 119 -0.12 15.32 4.92
CA LEU B 119 0.55 15.88 3.75
C LEU B 119 0.64 17.39 3.86
N ALA B 120 -0.45 18.04 4.27
CA ALA B 120 -0.42 19.50 4.34
C ALA B 120 0.68 19.97 5.29
N GLN B 121 0.88 19.27 6.40
CA GLN B 121 1.93 19.67 7.34
C GLN B 121 3.31 19.48 6.73
N ARG B 122 3.49 18.40 5.98
CA ARG B 122 4.78 18.16 5.34
C ARG B 122 5.06 19.23 4.29
N LEU B 123 4.05 19.57 3.49
CA LEU B 123 4.24 20.59 2.46
C LEU B 123 4.60 21.93 3.08
N ALA B 124 3.97 22.28 4.20
CA ALA B 124 4.29 23.53 4.87
C ALA B 124 5.75 23.55 5.33
N ALA B 125 6.22 22.44 5.89
CA ALA B 125 7.61 22.36 6.33
C ALA B 125 8.54 22.49 5.14
N CYS B 126 8.15 21.86 4.02
CA CYS B 126 9.03 21.88 2.85
C CYS B 126 9.05 23.25 2.20
N ARG B 127 7.96 23.99 2.27
N ARG B 127 7.96 24.00 2.27
CA ARG B 127 7.95 25.36 1.78
CA ARG B 127 7.99 25.36 1.76
C ARG B 127 8.94 26.23 2.55
C ARG B 127 8.96 26.23 2.54
N GLU B 128 9.12 25.97 3.84
CA GLU B 128 10.08 26.74 4.64
C GLU B 128 11.52 26.31 4.34
N GLN B 129 11.75 25.03 4.08
CA GLN B 129 13.08 24.45 3.96
C GLN B 129 13.01 23.40 2.86
N PRO B 130 13.00 23.83 1.61
CA PRO B 130 12.77 22.88 0.52
C PRO B 130 13.94 21.95 0.30
N TYR B 131 13.62 20.74 -0.14
CA TYR B 131 14.60 19.77 -0.55
C TYR B 131 15.31 20.24 -1.81
N LYS B 132 16.46 19.62 -2.09
CA LYS B 132 17.23 19.99 -3.28
C LYS B 132 16.40 19.74 -4.53
N GLY B 133 16.32 20.76 -5.39
CA GLY B 133 15.56 20.68 -6.62
C GLY B 133 14.06 20.75 -6.49
N MET B 134 13.55 21.23 -5.36
CA MET B 134 12.11 21.15 -5.10
C MET B 134 11.34 22.25 -5.81
N VAL B 135 10.26 21.84 -6.47
CA VAL B 135 9.32 22.70 -7.17
C VAL B 135 7.94 22.32 -6.65
N PHE B 136 7.09 23.33 -6.40
CA PHE B 136 5.73 23.12 -5.97
C PHE B 136 4.75 23.42 -7.11
N PHE B 137 3.58 22.80 -7.05
CA PHE B 137 2.57 22.96 -8.10
C PHE B 137 1.25 23.37 -7.48
#